data_4BVA
#
_entry.id   4BVA
#
_cell.length_a   45.240
_cell.length_b   97.140
_cell.length_c   75.670
_cell.angle_alpha   90.00
_cell.angle_beta   104.90
_cell.angle_gamma   90.00
#
_symmetry.space_group_name_H-M   'P 1 21 1'
#
loop_
_entity.id
_entity.type
_entity.pdbx_description
1 polymer 'THIOMORPHOLINE-CARBOXYLATE DEHYDROGENASE'
2 non-polymer 'NADPH DIHYDRO-NICOTINAMIDE-ADENINE-DINUCLEOTIDE PHOSPHATE'
3 non-polymer "3,5,3'TRIIODOTHYRONINE"
4 non-polymer 'POTASSIUM ION'
5 water water
#
_entity_poly.entity_id   1
_entity_poly.type   'polypeptide(L)'
_entity_poly.pdbx_seq_one_letter_code
;MSYYHHHHHHLESTSLYKKAGLMKRAPAFLSAEEVQDHLRSSSLLIPPLEAALANFSKGPDGGVMQPVRTVVPVAKHRGF
LGVMPAYSAAEDALTTKLVTFYEGHSNTAVPSHQASVLLFDPSNGSLLAVMDGNVITAKRTAAVSAIATKLLKPPGSDVL
CILGAGVQAYSHYEIFTEQFSFKEVRMWNRTRENAEKFASTVQGDVRVCSSVQEAVTGADVIITVTMATEPILFGEWVKP
GAHINAVGASRPDWRELDDELMRQAVLYVDSREAALKESGDVLLSGADIFAELGEVISGAKPAHCEKTTVFKSLGMAVED
LVAAKLVYDSWSSGK
;
_entity_poly.pdbx_strand_id   A,B
#
# COMPACT_ATOMS: atom_id res chain seq x y z
N LYS A 24 -4.02 11.91 18.54
CA LYS A 24 -4.83 10.94 17.73
C LYS A 24 -5.43 9.84 18.63
N ARG A 25 -6.62 9.35 18.27
CA ARG A 25 -7.25 8.23 18.97
C ARG A 25 -6.63 6.93 18.45
N ALA A 26 -6.40 5.98 19.33
CA ALA A 26 -5.90 4.66 18.92
C ALA A 26 -6.94 3.99 18.01
N PRO A 27 -6.49 3.25 16.97
CA PRO A 27 -7.44 2.48 16.19
C PRO A 27 -7.95 1.28 16.97
N ALA A 28 -9.11 0.77 16.56
CA ALA A 28 -9.63 -0.48 17.09
C ALA A 28 -8.84 -1.61 16.45
N PHE A 29 -8.59 -2.67 17.21
CA PHE A 29 -8.00 -3.89 16.67
C PHE A 29 -9.03 -5.00 16.75
N LEU A 30 -9.36 -5.58 15.62
CA LEU A 30 -10.36 -6.64 15.56
C LEU A 30 -9.68 -7.92 15.13
N SER A 31 -9.68 -8.91 16.03
CA SER A 31 -9.05 -10.20 15.77
C SER A 31 -9.87 -11.04 14.83
N ALA A 32 -9.28 -12.14 14.37
CA ALA A 32 -9.94 -13.05 13.45
C ALA A 32 -11.33 -13.47 13.96
N GLU A 33 -11.40 -13.86 15.23
CA GLU A 33 -12.65 -14.32 15.78
C GLU A 33 -13.68 -13.19 15.87
N GLU A 34 -13.22 -11.96 16.17
CA GLU A 34 -14.16 -10.83 16.19
C GLU A 34 -14.68 -10.55 14.78
N VAL A 35 -13.81 -10.66 13.77
CA VAL A 35 -14.26 -10.52 12.39
C VAL A 35 -15.31 -11.59 12.06
N GLN A 36 -15.03 -12.84 12.41
CA GLN A 36 -15.98 -13.92 12.15
C GLN A 36 -17.32 -13.66 12.83
N ASP A 37 -17.25 -13.17 14.06
CA ASP A 37 -18.44 -12.86 14.86
C ASP A 37 -19.31 -11.77 14.22
N HIS A 38 -18.71 -10.94 13.38
CA HIS A 38 -19.43 -9.85 12.68
C HIS A 38 -19.60 -10.06 11.17
N LEU A 39 -19.34 -11.29 10.69
CA LEU A 39 -19.64 -11.70 9.31
C LEU A 39 -20.32 -13.06 9.31
N ARG A 40 -21.49 -13.14 9.92
CA ARG A 40 -22.18 -14.41 10.09
C ARG A 40 -23.15 -14.68 8.94
N SER A 41 -23.46 -13.66 8.13
CA SER A 41 -24.57 -13.76 7.18
C SER A 41 -24.17 -13.39 5.75
N SER A 42 -24.10 -14.41 4.89
CA SER A 42 -23.75 -14.20 3.47
C SER A 42 -24.78 -13.34 2.74
N SER A 43 -26.04 -13.50 3.16
N SER A 43 -26.05 -13.42 3.14
CA SER A 43 -27.16 -12.65 2.74
CA SER A 43 -27.07 -12.61 2.51
C SER A 43 -26.87 -11.15 2.80
C SER A 43 -26.94 -11.11 2.85
N LEU A 44 -26.06 -10.77 3.79
CA LEU A 44 -25.70 -9.36 4.02
C LEU A 44 -24.42 -8.97 3.28
N LEU A 45 -23.57 -9.95 2.96
CA LEU A 45 -22.31 -9.66 2.28
C LEU A 45 -22.47 -9.57 0.75
N ILE A 46 -23.30 -10.44 0.18
CA ILE A 46 -23.46 -10.50 -1.27
C ILE A 46 -23.97 -9.21 -1.93
N PRO A 47 -25.05 -8.60 -1.40
CA PRO A 47 -25.54 -7.41 -2.12
C PRO A 47 -24.52 -6.25 -2.25
N PRO A 48 -23.81 -5.90 -1.16
CA PRO A 48 -22.83 -4.82 -1.37
C PRO A 48 -21.64 -5.21 -2.27
N LEU A 49 -21.26 -6.48 -2.26
CA LEU A 49 -20.26 -6.96 -3.21
C LEU A 49 -20.76 -6.84 -4.64
N GLU A 50 -22.03 -7.19 -4.89
CA GLU A 50 -22.58 -7.07 -6.24
C GLU A 50 -22.47 -5.62 -6.75
N ALA A 51 -22.88 -4.69 -5.90
CA ALA A 51 -22.84 -3.28 -6.24
C ALA A 51 -21.39 -2.81 -6.46
N ALA A 52 -20.46 -3.32 -5.66
CA ALA A 52 -19.05 -2.94 -5.78
C ALA A 52 -18.43 -3.46 -7.08
N LEU A 53 -18.75 -4.71 -7.44
CA LEU A 53 -18.30 -5.25 -8.70
C LEU A 53 -18.84 -4.44 -9.87
N ALA A 54 -20.13 -4.14 -9.85
CA ALA A 54 -20.74 -3.34 -10.93
C ALA A 54 -20.07 -1.95 -11.06
N ASN A 55 -19.93 -1.27 -9.93
CA ASN A 55 -19.32 0.05 -9.92
C ASN A 55 -17.86 0.01 -10.35
N PHE A 56 -17.12 -1.02 -9.93
CA PHE A 56 -15.75 -1.17 -10.39
C PHE A 56 -15.69 -1.26 -11.92
N SER A 57 -16.57 -2.10 -12.48
CA SER A 57 -16.52 -2.35 -13.91
C SER A 57 -17.03 -1.16 -14.73
N LYS A 58 -17.73 -0.23 -14.10
CA LYS A 58 -18.16 1.00 -14.77
C LYS A 58 -16.99 1.94 -15.03
N GLY A 59 -15.87 1.71 -14.35
CA GLY A 59 -14.70 2.54 -14.52
C GLY A 59 -14.89 3.87 -13.82
N PRO A 60 -14.28 4.93 -14.35
CA PRO A 60 -14.26 6.22 -13.65
C PRO A 60 -15.59 6.62 -13.01
N ASP A 61 -16.67 6.56 -13.78
CA ASP A 61 -17.97 7.02 -13.31
C ASP A 61 -18.58 6.17 -12.19
N GLY A 62 -17.99 5.00 -11.94
CA GLY A 62 -18.43 4.15 -10.83
C GLY A 62 -17.89 4.54 -9.47
N GLY A 63 -16.91 5.44 -9.42
CA GLY A 63 -16.39 5.97 -8.15
C GLY A 63 -15.37 5.12 -7.40
N VAL A 64 -14.98 3.97 -7.95
CA VAL A 64 -13.96 3.14 -7.33
C VAL A 64 -12.56 3.55 -7.79
N MET A 65 -11.69 3.84 -6.82
CA MET A 65 -10.28 4.05 -7.08
C MET A 65 -9.54 2.84 -6.54
N GLN A 66 -8.97 2.05 -7.43
CA GLN A 66 -8.35 0.79 -7.06
C GLN A 66 -7.16 0.53 -7.97
N PRO A 67 -5.95 0.89 -7.52
CA PRO A 67 -4.77 0.59 -8.32
C PRO A 67 -4.50 -0.91 -8.32
N VAL A 68 -3.89 -1.48 -9.36
CA VAL A 68 -3.59 -2.92 -9.32
C VAL A 68 -2.69 -3.23 -8.14
N ARG A 69 -2.91 -4.39 -7.51
CA ARG A 69 -2.08 -4.87 -6.40
C ARG A 69 -0.57 -4.62 -6.64
N THR A 70 0.09 -4.00 -5.67
CA THR A 70 1.56 -3.85 -5.64
C THR A 70 2.14 -5.05 -4.89
N VAL A 71 3.13 -5.72 -5.45
CA VAL A 71 3.78 -6.86 -4.76
C VAL A 71 5.25 -6.52 -4.57
N VAL A 72 5.71 -6.61 -3.32
CA VAL A 72 7.10 -6.35 -2.95
C VAL A 72 7.72 -7.70 -2.59
N PRO A 73 8.72 -8.14 -3.36
CA PRO A 73 9.35 -9.41 -3.01
C PRO A 73 10.29 -9.30 -1.81
N VAL A 74 10.30 -10.35 -0.99
CA VAL A 74 11.19 -10.45 0.16
C VAL A 74 12.02 -11.70 -0.08
N ALA A 75 12.96 -11.58 -1.02
CA ALA A 75 13.63 -12.75 -1.60
C ALA A 75 14.48 -13.50 -0.59
N LYS A 76 15.11 -12.76 0.33
CA LYS A 76 15.92 -13.34 1.40
C LYS A 76 15.18 -14.39 2.22
N HIS A 77 13.86 -14.23 2.35
CA HIS A 77 13.03 -15.17 3.11
C HIS A 77 11.97 -15.86 2.26
N ARG A 78 12.16 -15.86 0.94
CA ARG A 78 11.24 -16.48 -0.01
C ARG A 78 9.78 -16.08 0.28
N GLY A 79 9.59 -14.78 0.47
CA GLY A 79 8.27 -14.20 0.73
C GLY A 79 7.92 -13.03 -0.15
N PHE A 80 6.70 -12.53 0.03
CA PHE A 80 6.12 -11.44 -0.75
C PHE A 80 5.16 -10.64 0.11
N LEU A 81 5.17 -9.32 -0.06
CA LEU A 81 4.15 -8.44 0.55
C LEU A 81 3.32 -7.82 -0.56
N GLY A 82 2.00 -7.98 -0.49
CA GLY A 82 1.08 -7.34 -1.42
C GLY A 82 0.30 -6.24 -0.69
N VAL A 83 0.12 -5.11 -1.36
CA VAL A 83 -0.59 -3.96 -0.77
C VAL A 83 -1.74 -3.62 -1.72
N MET A 84 -2.94 -3.56 -1.16
CA MET A 84 -4.18 -3.46 -1.94
C MET A 84 -5.08 -2.36 -1.36
N PRO A 85 -4.84 -1.10 -1.76
CA PRO A 85 -5.70 0.01 -1.31
C PRO A 85 -6.91 0.20 -2.21
N ALA A 86 -7.97 0.80 -1.65
CA ALA A 86 -9.14 1.16 -2.44
C ALA A 86 -9.90 2.27 -1.76
N TYR A 87 -10.47 3.14 -2.58
CA TYR A 87 -11.49 4.08 -2.17
C TYR A 87 -12.77 3.81 -2.96
N SER A 88 -13.90 3.83 -2.27
CA SER A 88 -15.23 3.67 -2.89
C SER A 88 -16.03 4.91 -2.58
N ALA A 89 -16.36 5.70 -3.61
CA ALA A 89 -17.22 6.87 -3.43
C ALA A 89 -18.63 6.44 -3.03
N ALA A 90 -19.10 5.33 -3.60
CA ALA A 90 -20.48 4.86 -3.38
C ALA A 90 -20.73 4.43 -1.94
N GLU A 91 -19.80 3.66 -1.37
CA GLU A 91 -19.90 3.24 0.02
C GLU A 91 -19.33 4.32 0.95
N ASP A 92 -18.58 5.26 0.36
CA ASP A 92 -17.76 6.24 1.07
C ASP A 92 -16.90 5.55 2.11
N ALA A 93 -15.95 4.78 1.61
CA ALA A 93 -15.09 3.97 2.47
C ALA A 93 -13.68 3.90 1.88
N LEU A 94 -12.68 3.83 2.77
CA LEU A 94 -11.28 3.89 2.39
C LEU A 94 -10.56 2.82 3.18
N THR A 95 -9.94 1.88 2.47
CA THR A 95 -9.26 0.78 3.12
C THR A 95 -7.93 0.46 2.44
N THR A 96 -7.12 -0.32 3.13
CA THR A 96 -5.98 -0.99 2.54
C THR A 96 -5.77 -2.36 3.17
N LYS A 97 -5.71 -3.38 2.32
CA LYS A 97 -5.31 -4.71 2.74
C LYS A 97 -3.83 -4.93 2.47
N LEU A 98 -3.14 -5.51 3.46
CA LEU A 98 -1.75 -5.90 3.33
C LEU A 98 -1.69 -7.39 3.56
N VAL A 99 -1.17 -8.09 2.57
CA VAL A 99 -1.12 -9.54 2.59
C VAL A 99 0.32 -10.02 2.37
N THR A 100 0.71 -11.06 3.09
CA THR A 100 2.01 -11.69 2.85
C THR A 100 1.80 -13.14 2.45
N PHE A 101 2.66 -13.61 1.54
CA PHE A 101 2.75 -15.02 1.21
C PHE A 101 4.20 -15.46 1.31
N TYR A 102 4.42 -16.53 2.05
CA TYR A 102 5.74 -17.09 2.25
C TYR A 102 5.74 -18.53 1.79
N GLU A 103 6.72 -18.87 0.94
CA GLU A 103 6.83 -20.22 0.33
C GLU A 103 7.32 -21.27 1.33
N SER A 112 2.24 -20.22 3.63
CA SER A 112 1.44 -19.47 4.60
C SER A 112 1.08 -18.09 4.06
N HIS A 113 -0.19 -17.72 4.18
CA HIS A 113 -0.70 -16.42 3.73
C HIS A 113 -1.35 -15.76 4.95
N GLN A 114 -1.01 -14.50 5.18
CA GLN A 114 -1.48 -13.74 6.34
C GLN A 114 -1.88 -12.37 5.84
N ALA A 115 -3.02 -11.85 6.30
CA ALA A 115 -3.51 -10.57 5.82
C ALA A 115 -4.06 -9.72 6.95
N SER A 116 -3.99 -8.41 6.76
CA SER A 116 -4.61 -7.43 7.66
C SER A 116 -5.32 -6.39 6.83
N VAL A 117 -6.43 -5.87 7.34
CA VAL A 117 -7.12 -4.79 6.66
C VAL A 117 -7.18 -3.56 7.57
N LEU A 118 -6.79 -2.43 6.99
CA LEU A 118 -6.87 -1.15 7.65
C LEU A 118 -8.08 -0.41 7.11
N LEU A 119 -8.88 0.17 8.00
CA LEU A 119 -10.05 0.96 7.61
C LEU A 119 -9.90 2.38 8.14
N PHE A 120 -9.98 3.35 7.23
CA PHE A 120 -9.80 4.77 7.54
C PHE A 120 -11.13 5.51 7.51
N ASP A 121 -11.20 6.61 8.25
CA ASP A 121 -12.27 7.57 8.10
C ASP A 121 -12.03 8.27 6.76
N PRO A 122 -12.94 8.10 5.79
CA PRO A 122 -12.68 8.66 4.46
C PRO A 122 -12.68 10.19 4.40
N SER A 123 -13.26 10.84 5.40
CA SER A 123 -13.39 12.29 5.36
C SER A 123 -12.16 13.01 5.91
N ASN A 124 -11.34 12.33 6.70
CA ASN A 124 -10.16 12.97 7.29
C ASN A 124 -8.91 12.10 7.37
N GLY A 125 -9.00 10.84 6.94
CA GLY A 125 -7.83 9.96 6.88
C GLY A 125 -7.44 9.24 8.16
N SER A 126 -8.19 9.48 9.24
N SER A 126 -8.16 9.49 9.25
CA SER A 126 -7.90 8.86 10.53
CA SER A 126 -7.81 8.88 10.53
C SER A 126 -7.97 7.33 10.42
C SER A 126 -7.96 7.36 10.44
N LEU A 127 -6.99 6.63 11.00
CA LEU A 127 -7.04 5.16 11.01
C LEU A 127 -8.04 4.76 12.10
N LEU A 128 -9.15 4.14 11.69
CA LEU A 128 -10.20 3.73 12.64
C LEU A 128 -10.05 2.29 13.14
N ALA A 129 -9.58 1.41 12.27
CA ALA A 129 -9.50 -0.01 12.63
C ALA A 129 -8.38 -0.74 11.90
N VAL A 130 -7.78 -1.69 12.62
CA VAL A 130 -6.89 -2.68 12.05
C VAL A 130 -7.54 -4.03 12.35
N MET A 131 -7.80 -4.80 11.31
CA MET A 131 -8.48 -6.04 11.51
C MET A 131 -7.82 -7.20 10.78
N ASP A 132 -8.04 -8.40 11.31
CA ASP A 132 -7.63 -9.59 10.61
C ASP A 132 -8.16 -9.57 9.19
N GLY A 133 -7.28 -9.93 8.25
CA GLY A 133 -7.63 -10.00 6.84
C GLY A 133 -7.89 -11.41 6.32
N ASN A 134 -7.47 -12.43 7.08
CA ASN A 134 -7.65 -13.81 6.64
C ASN A 134 -9.11 -14.21 6.56
N VAL A 135 -9.88 -13.88 7.61
CA VAL A 135 -11.31 -14.20 7.62
C VAL A 135 -12.06 -13.40 6.55
N ILE A 136 -11.77 -12.10 6.45
CA ILE A 136 -12.32 -11.29 5.36
C ILE A 136 -12.07 -11.91 3.98
N THR A 137 -10.82 -12.27 3.70
CA THR A 137 -10.45 -12.86 2.41
C THR A 137 -11.23 -14.16 2.12
N ALA A 138 -11.26 -15.06 3.10
CA ALA A 138 -12.04 -16.30 3.00
C ALA A 138 -13.50 -16.03 2.66
N LYS A 139 -14.11 -15.08 3.36
CA LYS A 139 -15.54 -14.80 3.18
C LYS A 139 -15.84 -14.10 1.87
N ARG A 140 -15.10 -13.03 1.55
CA ARG A 140 -15.43 -12.27 0.33
C ARG A 140 -15.13 -13.07 -0.93
N THR A 141 -14.10 -13.90 -0.91
CA THR A 141 -13.77 -14.74 -2.05
C THR A 141 -14.90 -15.72 -2.34
N ALA A 142 -15.34 -16.43 -1.30
CA ALA A 142 -16.44 -17.37 -1.42
C ALA A 142 -17.71 -16.67 -1.88
N ALA A 143 -17.95 -15.46 -1.37
CA ALA A 143 -19.14 -14.71 -1.76
C ALA A 143 -19.12 -14.30 -3.23
N VAL A 144 -17.98 -13.84 -3.72
CA VAL A 144 -17.87 -13.47 -5.13
C VAL A 144 -18.01 -14.70 -6.03
N SER A 145 -17.38 -15.82 -5.66
CA SER A 145 -17.64 -17.08 -6.38
C SER A 145 -19.14 -17.43 -6.42
N ALA A 146 -19.84 -17.23 -5.30
CA ALA A 146 -21.28 -17.49 -5.25
C ALA A 146 -22.07 -16.57 -6.19
N ILE A 147 -21.70 -15.29 -6.24
CA ILE A 147 -22.31 -14.34 -7.17
C ILE A 147 -22.13 -14.81 -8.61
N ALA A 148 -20.90 -15.16 -8.99
CA ALA A 148 -20.61 -15.65 -10.33
C ALA A 148 -21.41 -16.89 -10.63
N THR A 149 -21.51 -17.80 -9.66
CA THR A 149 -22.20 -19.07 -9.86
C THR A 149 -23.70 -18.90 -10.03
N LYS A 150 -24.29 -17.99 -9.28
CA LYS A 150 -25.71 -17.68 -9.43
C LYS A 150 -26.03 -17.25 -10.89
N LEU A 151 -25.11 -16.50 -11.49
CA LEU A 151 -25.28 -16.01 -12.85
C LEU A 151 -24.94 -17.03 -13.92
N LEU A 152 -23.93 -17.85 -13.64
CA LEU A 152 -23.31 -18.64 -14.69
C LEU A 152 -23.50 -20.16 -14.61
N LYS A 153 -24.02 -20.68 -13.51
CA LYS A 153 -24.28 -22.12 -13.42
C LYS A 153 -25.29 -22.56 -14.49
N PRO A 154 -25.11 -23.78 -15.07
CA PRO A 154 -26.00 -24.22 -16.14
C PRO A 154 -27.41 -24.51 -15.63
N PRO A 155 -28.38 -24.56 -16.55
CA PRO A 155 -29.72 -24.98 -16.13
C PRO A 155 -29.66 -26.38 -15.55
N GLY A 156 -30.38 -26.61 -14.45
CA GLY A 156 -30.40 -27.90 -13.79
C GLY A 156 -29.16 -28.27 -13.03
N SER A 157 -28.51 -27.30 -12.38
CA SER A 157 -27.27 -27.57 -11.64
C SER A 157 -27.56 -28.37 -10.38
N ASP A 158 -27.07 -29.60 -10.34
CA ASP A 158 -27.33 -30.53 -9.25
C ASP A 158 -26.07 -31.02 -8.52
N VAL A 159 -24.92 -30.93 -9.16
CA VAL A 159 -23.69 -31.50 -8.62
C VAL A 159 -22.63 -30.42 -8.46
N LEU A 160 -22.09 -30.30 -7.24
CA LEU A 160 -20.98 -29.40 -6.92
C LEU A 160 -19.71 -30.23 -6.73
N CYS A 161 -18.60 -29.71 -7.25
CA CYS A 161 -17.29 -30.29 -7.01
C CYS A 161 -16.30 -29.22 -6.49
N ILE A 162 -15.60 -29.57 -5.41
CA ILE A 162 -14.54 -28.72 -4.84
C ILE A 162 -13.20 -29.45 -4.99
N LEU A 163 -12.24 -28.78 -5.63
CA LEU A 163 -10.86 -29.26 -5.69
C LEU A 163 -10.05 -28.43 -4.71
N GLY A 164 -9.44 -29.09 -3.72
CA GLY A 164 -8.79 -28.42 -2.61
C GLY A 164 -9.59 -28.61 -1.33
N ALA A 165 -8.93 -28.38 -0.19
CA ALA A 165 -9.55 -28.64 1.11
C ALA A 165 -9.01 -27.75 2.23
N GLY A 166 -8.56 -26.55 1.88
CA GLY A 166 -8.06 -25.58 2.84
C GLY A 166 -9.12 -24.55 3.19
N VAL A 167 -8.67 -23.38 3.62
CA VAL A 167 -9.55 -22.33 4.13
C VAL A 167 -10.63 -21.91 3.10
N GLN A 168 -10.22 -21.76 1.86
CA GLN A 168 -11.15 -21.37 0.81
C GLN A 168 -12.18 -22.46 0.52
N ALA A 169 -11.78 -23.72 0.62
CA ALA A 169 -12.72 -24.83 0.48
C ALA A 169 -13.84 -24.72 1.51
N TYR A 170 -13.46 -24.42 2.76
CA TYR A 170 -14.44 -24.25 3.85
C TYR A 170 -15.40 -23.09 3.60
N SER A 171 -14.86 -21.92 3.29
CA SER A 171 -15.68 -20.75 3.08
C SER A 171 -16.62 -20.91 1.87
N HIS A 172 -16.12 -21.49 0.78
CA HIS A 172 -16.95 -21.79 -0.38
C HIS A 172 -18.04 -22.81 -0.04
N TYR A 173 -17.66 -23.88 0.65
CA TYR A 173 -18.64 -24.88 1.08
C TYR A 173 -19.77 -24.26 1.90
N GLU A 174 -19.42 -23.46 2.90
CA GLU A 174 -20.41 -22.82 3.76
C GLU A 174 -21.40 -21.97 2.96
N ILE A 175 -20.89 -21.04 2.17
CA ILE A 175 -21.79 -20.15 1.42
C ILE A 175 -22.55 -20.83 0.27
N PHE A 176 -21.92 -21.79 -0.42
CA PHE A 176 -22.59 -22.48 -1.54
C PHE A 176 -23.76 -23.36 -1.07
N THR A 177 -23.56 -24.09 0.03
CA THR A 177 -24.65 -24.96 0.55
C THR A 177 -25.77 -24.13 1.18
N GLU A 178 -25.45 -22.91 1.58
CA GLU A 178 -26.44 -21.96 2.06
C GLU A 178 -27.20 -21.28 0.90
N GLN A 179 -26.49 -20.89 -0.16
CA GLN A 179 -27.12 -20.15 -1.26
C GLN A 179 -27.76 -21.02 -2.34
N PHE A 180 -27.28 -22.26 -2.47
CA PHE A 180 -27.73 -23.14 -3.53
C PHE A 180 -28.22 -24.46 -2.95
N SER A 181 -28.83 -25.28 -3.79
CA SER A 181 -29.30 -26.61 -3.39
C SER A 181 -28.75 -27.69 -4.32
N PHE A 182 -27.61 -28.26 -3.94
CA PHE A 182 -27.01 -29.33 -4.72
C PHE A 182 -27.45 -30.68 -4.19
N LYS A 183 -27.65 -31.64 -5.09
CA LYS A 183 -28.02 -33.00 -4.68
C LYS A 183 -26.79 -33.78 -4.23
N GLU A 184 -25.63 -33.45 -4.79
CA GLU A 184 -24.37 -34.06 -4.36
C GLU A 184 -23.25 -33.01 -4.36
N VAL A 185 -22.42 -33.07 -3.31
CA VAL A 185 -21.18 -32.30 -3.23
C VAL A 185 -20.00 -33.28 -3.24
N ARG A 186 -19.08 -33.12 -4.17
CA ARG A 186 -17.86 -33.91 -4.18
C ARG A 186 -16.61 -33.09 -3.85
N MET A 187 -15.58 -33.80 -3.40
CA MET A 187 -14.29 -33.20 -3.11
C MET A 187 -13.15 -34.11 -3.55
N TRP A 188 -12.14 -33.50 -4.15
CA TRP A 188 -10.81 -34.11 -4.28
C TRP A 188 -9.80 -33.18 -3.63
N ASN A 189 -8.76 -33.78 -3.05
CA ASN A 189 -7.61 -33.04 -2.54
C ASN A 189 -6.36 -33.87 -2.80
N ARG A 190 -5.25 -33.19 -3.08
CA ARG A 190 -3.98 -33.86 -3.33
C ARG A 190 -3.69 -34.86 -2.22
N THR A 191 -3.80 -34.40 -0.98
CA THR A 191 -3.67 -35.28 0.19
C THR A 191 -5.05 -35.76 0.60
N ARG A 192 -5.33 -37.03 0.37
CA ARG A 192 -6.66 -37.57 0.60
C ARG A 192 -7.14 -37.42 2.05
N GLU A 193 -6.21 -37.50 3.00
CA GLU A 193 -6.56 -37.43 4.42
C GLU A 193 -7.25 -36.11 4.77
N ASN A 194 -6.78 -35.02 4.16
CA ASN A 194 -7.33 -33.69 4.41
C ASN A 194 -8.73 -33.48 3.80
N ALA A 195 -9.04 -34.20 2.72
CA ALA A 195 -10.38 -34.23 2.18
C ALA A 195 -11.34 -35.02 3.09
N GLU A 196 -10.89 -36.14 3.64
CA GLU A 196 -11.71 -36.89 4.60
C GLU A 196 -11.96 -36.06 5.86
N LYS A 197 -10.93 -35.36 6.35
CA LYS A 197 -11.09 -34.49 7.51
C LYS A 197 -12.12 -33.40 7.22
N PHE A 198 -12.09 -32.89 5.99
CA PHE A 198 -13.07 -31.91 5.55
C PHE A 198 -14.48 -32.51 5.55
N ALA A 199 -14.62 -33.69 4.95
CA ALA A 199 -15.92 -34.35 4.80
C ALA A 199 -16.58 -34.69 6.14
N SER A 200 -15.78 -35.04 7.13
CA SER A 200 -16.30 -35.38 8.46
C SER A 200 -16.53 -34.12 9.31
N THR A 201 -15.81 -33.05 9.00
CA THR A 201 -15.90 -31.79 9.76
C THR A 201 -17.13 -30.94 9.38
N VAL A 202 -17.51 -30.94 8.10
CA VAL A 202 -18.61 -30.08 7.63
C VAL A 202 -19.97 -30.77 7.81
N GLN A 203 -21.02 -29.95 7.79
CA GLN A 203 -22.36 -30.40 8.20
C GLN A 203 -22.95 -31.50 7.34
N GLY A 204 -23.03 -31.27 6.03
CA GLY A 204 -23.65 -32.22 5.10
C GLY A 204 -22.72 -33.29 4.56
N ASP A 205 -23.24 -34.09 3.62
CA ASP A 205 -22.49 -35.21 3.04
C ASP A 205 -21.57 -34.76 1.93
N VAL A 206 -20.29 -35.13 2.03
CA VAL A 206 -19.32 -34.86 0.99
C VAL A 206 -18.72 -36.17 0.48
N ARG A 207 -18.86 -36.43 -0.82
CA ARG A 207 -18.23 -37.58 -1.43
C ARG A 207 -16.78 -37.27 -1.79
N VAL A 208 -15.86 -37.85 -1.02
CA VAL A 208 -14.43 -37.75 -1.32
C VAL A 208 -14.10 -38.65 -2.50
N CYS A 209 -13.36 -38.10 -3.47
CA CYS A 209 -13.02 -38.82 -4.69
C CYS A 209 -11.51 -38.99 -4.78
N SER A 210 -11.08 -40.08 -5.43
CA SER A 210 -9.67 -40.42 -5.49
C SER A 210 -8.91 -39.73 -6.64
N SER A 211 -9.62 -39.02 -7.51
CA SER A 211 -8.97 -38.27 -8.59
C SER A 211 -9.78 -37.02 -8.91
N VAL A 212 -9.12 -36.04 -9.51
CA VAL A 212 -9.83 -34.85 -10.01
C VAL A 212 -10.88 -35.28 -11.04
N GLN A 213 -10.48 -36.16 -11.96
CA GLN A 213 -11.39 -36.59 -13.01
C GLN A 213 -12.67 -37.16 -12.44
N GLU A 214 -12.56 -38.03 -11.43
CA GLU A 214 -13.76 -38.59 -10.80
C GLU A 214 -14.63 -37.48 -10.22
N ALA A 215 -14.00 -36.59 -9.45
CA ALA A 215 -14.71 -35.53 -8.76
C ALA A 215 -15.44 -34.56 -9.71
N VAL A 216 -14.84 -34.27 -10.85
CA VAL A 216 -15.47 -33.33 -11.81
C VAL A 216 -16.41 -33.98 -12.84
N THR A 217 -16.30 -35.29 -13.02
CA THR A 217 -17.11 -35.95 -14.05
C THR A 217 -18.57 -35.86 -13.65
N GLY A 218 -19.37 -35.17 -14.45
CA GLY A 218 -20.79 -34.97 -14.16
C GLY A 218 -21.11 -33.74 -13.31
N ALA A 219 -20.09 -33.00 -12.89
CA ALA A 219 -20.29 -31.82 -12.06
C ALA A 219 -20.83 -30.63 -12.86
N ASP A 220 -21.77 -29.91 -12.26
CA ASP A 220 -22.37 -28.73 -12.89
C ASP A 220 -21.64 -27.47 -12.51
N VAL A 221 -21.13 -27.49 -11.28
CA VAL A 221 -20.36 -26.38 -10.73
C VAL A 221 -19.11 -26.94 -10.09
N ILE A 222 -17.98 -26.34 -10.44
CA ILE A 222 -16.69 -26.74 -9.93
C ILE A 222 -16.02 -25.53 -9.28
N ILE A 223 -15.36 -25.77 -8.16
CA ILE A 223 -14.55 -24.74 -7.48
C ILE A 223 -13.11 -25.27 -7.39
N THR A 224 -12.14 -24.50 -7.90
CA THR A 224 -10.73 -24.88 -7.79
C THR A 224 -10.07 -23.93 -6.79
N VAL A 225 -9.72 -24.48 -5.62
CA VAL A 225 -9.10 -23.73 -4.53
C VAL A 225 -7.81 -24.43 -4.03
N THR A 226 -6.89 -24.63 -4.96
CA THR A 226 -5.64 -25.33 -4.68
C THR A 226 -4.47 -24.38 -4.84
N MET A 227 -3.32 -24.82 -4.37
CA MET A 227 -2.05 -24.19 -4.75
C MET A 227 -1.31 -24.99 -5.83
N ALA A 228 -2.02 -25.74 -6.67
CA ALA A 228 -1.40 -26.39 -7.81
C ALA A 228 -0.69 -25.34 -8.66
N THR A 229 0.50 -25.69 -9.16
CA THR A 229 1.25 -24.78 -10.04
C THR A 229 1.16 -25.20 -11.51
N GLU A 230 0.73 -26.44 -11.76
CA GLU A 230 0.52 -26.93 -13.12
C GLU A 230 -0.90 -27.51 -13.25
N PRO A 231 -1.46 -27.55 -14.47
CA PRO A 231 -2.89 -27.88 -14.60
C PRO A 231 -3.29 -29.21 -13.97
N ILE A 232 -4.36 -29.18 -13.19
CA ILE A 232 -4.97 -30.37 -12.60
C ILE A 232 -6.35 -30.66 -13.19
N LEU A 233 -6.99 -29.66 -13.78
CA LEU A 233 -8.34 -29.78 -14.32
C LEU A 233 -8.31 -29.60 -15.83
N PHE A 234 -8.71 -30.66 -16.54
CA PHE A 234 -8.63 -30.72 -17.98
C PHE A 234 -10.03 -30.60 -18.56
N GLY A 235 -10.16 -29.73 -19.56
CA GLY A 235 -11.42 -29.48 -20.24
C GLY A 235 -12.13 -30.72 -20.75
N GLU A 236 -11.37 -31.71 -21.17
CA GLU A 236 -11.93 -32.97 -21.63
C GLU A 236 -12.94 -33.59 -20.64
N TRP A 237 -12.73 -33.36 -19.33
CA TRP A 237 -13.52 -33.98 -18.29
C TRP A 237 -14.74 -33.18 -17.87
N VAL A 238 -14.81 -31.94 -18.35
CA VAL A 238 -15.82 -30.99 -17.90
C VAL A 238 -17.11 -31.15 -18.68
N LYS A 239 -18.21 -31.32 -17.95
CA LYS A 239 -19.54 -31.41 -18.53
C LYS A 239 -19.85 -30.13 -19.34
N PRO A 240 -20.29 -30.28 -20.61
CA PRO A 240 -20.64 -29.08 -21.35
C PRO A 240 -21.70 -28.26 -20.60
N GLY A 241 -21.43 -26.98 -20.44
CA GLY A 241 -22.32 -26.10 -19.67
C GLY A 241 -21.87 -25.84 -18.25
N ALA A 242 -20.94 -26.64 -17.73
CA ALA A 242 -20.47 -26.47 -16.37
C ALA A 242 -19.90 -25.10 -16.11
N HIS A 243 -20.02 -24.65 -14.87
CA HIS A 243 -19.41 -23.40 -14.45
C HIS A 243 -18.28 -23.69 -13.48
N ILE A 244 -17.11 -23.12 -13.78
CA ILE A 244 -15.93 -23.29 -12.95
C ILE A 244 -15.54 -21.95 -12.30
N ASN A 245 -15.43 -21.96 -10.97
CA ASN A 245 -14.83 -20.86 -10.21
C ASN A 245 -13.38 -21.22 -9.95
N ALA A 246 -12.52 -20.57 -10.72
CA ALA A 246 -11.08 -20.80 -10.70
C ALA A 246 -10.38 -19.79 -9.78
N VAL A 247 -10.13 -20.23 -8.56
CA VAL A 247 -9.74 -19.33 -7.47
C VAL A 247 -8.25 -19.43 -7.13
N GLY A 248 -7.65 -20.59 -7.39
CA GLY A 248 -6.22 -20.79 -7.12
C GLY A 248 -5.29 -20.30 -8.23
N ALA A 249 -4.06 -20.82 -8.24
CA ALA A 249 -3.03 -20.40 -9.20
C ALA A 249 -2.96 -18.88 -9.33
N SER A 250 -2.84 -18.21 -8.19
CA SER A 250 -2.89 -16.75 -8.13
C SER A 250 -1.51 -16.13 -8.31
N ARG A 251 -0.87 -16.49 -9.42
CA ARG A 251 0.48 -16.01 -9.75
C ARG A 251 0.69 -16.23 -11.25
N PRO A 252 1.42 -15.33 -11.92
CA PRO A 252 1.49 -15.37 -13.39
C PRO A 252 2.15 -16.61 -13.98
N ASP A 253 2.88 -17.36 -13.16
CA ASP A 253 3.56 -18.56 -13.61
C ASP A 253 2.86 -19.85 -13.12
N TRP A 254 1.72 -19.72 -12.44
CA TRP A 254 1.00 -20.91 -11.94
C TRP A 254 -0.31 -21.12 -12.67
N ARG A 255 -0.73 -22.39 -12.76
CA ARG A 255 -2.00 -22.78 -13.41
C ARG A 255 -2.71 -23.90 -12.68
N GLU A 256 -4.05 -23.85 -12.69
CA GLU A 256 -4.90 -24.98 -12.31
C GLU A 256 -5.60 -25.64 -13.50
N LEU A 257 -5.81 -24.88 -14.58
CA LEU A 257 -6.67 -25.34 -15.69
C LEU A 257 -5.86 -25.52 -16.96
N ASP A 258 -6.24 -26.49 -17.79
CA ASP A 258 -5.50 -26.73 -19.02
C ASP A 258 -5.94 -25.79 -20.13
N ASP A 259 -5.20 -25.81 -21.24
CA ASP A 259 -5.51 -24.93 -22.36
C ASP A 259 -6.87 -25.20 -23.00
N GLU A 260 -7.27 -26.46 -23.07
CA GLU A 260 -8.55 -26.81 -23.68
C GLU A 260 -9.71 -26.16 -22.93
N LEU A 261 -9.71 -26.25 -21.60
CA LEU A 261 -10.73 -25.58 -20.80
C LEU A 261 -10.68 -24.05 -20.92
N MET A 262 -9.50 -23.45 -20.80
CA MET A 262 -9.37 -22.00 -20.87
C MET A 262 -9.78 -21.42 -22.22
N ARG A 263 -9.52 -22.15 -23.30
CA ARG A 263 -9.84 -21.65 -24.63
C ARG A 263 -11.29 -21.96 -25.03
N GLN A 264 -11.84 -23.07 -24.57
CA GLN A 264 -13.20 -23.48 -24.97
C GLN A 264 -14.27 -22.77 -24.15
N ALA A 265 -13.96 -22.46 -22.88
CA ALA A 265 -14.93 -21.84 -21.98
C ALA A 265 -15.16 -20.37 -22.32
N VAL A 266 -16.31 -19.82 -21.93
CA VAL A 266 -16.49 -18.37 -21.93
C VAL A 266 -15.84 -17.88 -20.63
N LEU A 267 -14.83 -17.00 -20.77
CA LEU A 267 -14.00 -16.57 -19.65
C LEU A 267 -14.46 -15.26 -19.06
N TYR A 268 -14.86 -15.32 -17.78
CA TYR A 268 -15.21 -14.16 -16.99
C TYR A 268 -14.14 -13.95 -15.91
N VAL A 269 -13.90 -12.70 -15.56
CA VAL A 269 -12.92 -12.36 -14.51
C VAL A 269 -13.50 -11.31 -13.57
N ASP A 270 -12.81 -11.07 -12.46
CA ASP A 270 -13.15 -9.93 -11.62
C ASP A 270 -12.62 -8.60 -12.20
N SER A 271 -11.32 -8.59 -12.53
CA SER A 271 -10.65 -7.42 -13.12
C SER A 271 -9.83 -7.89 -14.31
N ARG A 272 -10.07 -7.30 -15.48
CA ARG A 272 -9.26 -7.61 -16.67
C ARG A 272 -7.81 -7.32 -16.44
N GLU A 273 -7.54 -6.14 -15.88
CA GLU A 273 -6.17 -5.69 -15.67
C GLU A 273 -5.41 -6.68 -14.79
N ALA A 274 -6.01 -7.04 -13.67
CA ALA A 274 -5.42 -8.00 -12.74
C ALA A 274 -5.25 -9.39 -13.38
N ALA A 275 -6.28 -9.87 -14.09
CA ALA A 275 -6.19 -11.19 -14.74
C ALA A 275 -5.04 -11.25 -15.74
N LEU A 276 -4.85 -10.19 -16.49
CA LEU A 276 -3.78 -10.16 -17.49
C LEU A 276 -2.37 -10.07 -16.84
N LYS A 277 -2.30 -9.51 -15.64
CA LYS A 277 -1.04 -9.37 -14.89
C LYS A 277 -0.72 -10.56 -13.97
N GLU A 278 -1.76 -11.16 -13.38
CA GLU A 278 -1.54 -12.05 -12.23
C GLU A 278 -1.88 -13.53 -12.45
N SER A 279 -2.71 -13.85 -13.45
CA SER A 279 -3.23 -15.21 -13.61
C SER A 279 -2.47 -16.01 -14.65
N GLY A 280 -1.74 -17.02 -14.21
CA GLY A 280 -1.04 -17.90 -15.14
C GLY A 280 -2.00 -18.63 -16.07
N ASP A 281 -3.17 -19.01 -15.54
CA ASP A 281 -4.18 -19.65 -16.40
C ASP A 281 -4.58 -18.76 -17.59
N VAL A 282 -4.80 -17.48 -17.34
CA VAL A 282 -5.13 -16.55 -18.41
C VAL A 282 -3.91 -16.28 -19.31
N LEU A 283 -2.81 -15.88 -18.69
CA LEU A 283 -1.60 -15.50 -19.41
C LEU A 283 -1.05 -16.61 -20.28
N LEU A 284 -0.86 -17.78 -19.69
CA LEU A 284 -0.19 -18.89 -20.36
C LEU A 284 -1.07 -19.60 -21.40
N SER A 285 -2.40 -19.55 -21.25
CA SER A 285 -3.31 -20.17 -22.21
C SER A 285 -3.58 -19.30 -23.44
N GLY A 286 -3.37 -18.01 -23.29
CA GLY A 286 -3.69 -17.04 -24.34
C GLY A 286 -5.17 -16.81 -24.55
N ALA A 287 -5.99 -17.24 -23.59
CA ALA A 287 -7.44 -17.13 -23.70
C ALA A 287 -7.87 -15.68 -23.70
N ASP A 288 -8.97 -15.40 -24.39
CA ASP A 288 -9.57 -14.08 -24.40
C ASP A 288 -10.59 -13.93 -23.28
N ILE A 289 -10.59 -12.77 -22.65
CA ILE A 289 -11.52 -12.49 -21.56
C ILE A 289 -12.79 -11.93 -22.15
N PHE A 290 -13.91 -12.61 -21.92
CA PHE A 290 -15.19 -12.16 -22.46
C PHE A 290 -15.75 -10.94 -21.72
N ALA A 291 -15.72 -10.99 -20.38
CA ALA A 291 -16.36 -9.98 -19.53
C ALA A 291 -15.83 -9.99 -18.11
N GLU A 292 -15.94 -8.84 -17.46
CA GLU A 292 -15.84 -8.75 -16.02
C GLU A 292 -17.19 -9.06 -15.40
N LEU A 293 -17.14 -9.68 -14.21
CA LEU A 293 -18.35 -10.05 -13.50
C LEU A 293 -19.25 -8.83 -13.27
N GLY A 294 -18.64 -7.70 -12.93
CA GLY A 294 -19.39 -6.47 -12.76
C GLY A 294 -20.18 -6.01 -13.98
N GLU A 295 -19.66 -6.30 -15.17
CA GLU A 295 -20.36 -5.96 -16.40
C GLU A 295 -21.58 -6.85 -16.59
N VAL A 296 -21.50 -8.08 -16.09
CA VAL A 296 -22.68 -8.98 -16.12
C VAL A 296 -23.74 -8.46 -15.17
N ILE A 297 -23.33 -8.12 -13.96
CA ILE A 297 -24.23 -7.60 -12.94
C ILE A 297 -24.94 -6.35 -13.43
N SER A 298 -24.22 -5.43 -14.08
CA SER A 298 -24.81 -4.17 -14.53
C SER A 298 -25.64 -4.31 -15.80
N GLY A 299 -25.55 -5.46 -16.47
CA GLY A 299 -26.25 -5.68 -17.74
C GLY A 299 -25.47 -5.34 -19.01
N ALA A 300 -24.24 -4.88 -18.86
CA ALA A 300 -23.42 -4.48 -20.02
C ALA A 300 -22.91 -5.68 -20.82
N LYS A 301 -22.79 -6.83 -20.18
CA LYS A 301 -22.35 -8.08 -20.81
C LYS A 301 -23.28 -9.23 -20.39
N PRO A 302 -23.53 -10.20 -21.29
CA PRO A 302 -24.48 -11.29 -20.95
C PRO A 302 -23.84 -12.39 -20.12
N ALA A 303 -24.68 -13.09 -19.36
CA ALA A 303 -24.29 -14.27 -18.62
C ALA A 303 -24.60 -15.48 -19.50
N HIS A 304 -23.58 -16.05 -20.11
CA HIS A 304 -23.79 -17.19 -21.02
C HIS A 304 -23.77 -18.50 -20.24
N CYS A 305 -24.75 -18.65 -19.34
CA CYS A 305 -24.77 -19.78 -18.43
C CYS A 305 -24.94 -21.13 -19.12
N GLU A 306 -25.51 -21.15 -20.32
CA GLU A 306 -25.68 -22.42 -21.06
C GLU A 306 -24.35 -23.01 -21.56
N LYS A 307 -23.35 -22.16 -21.73
CA LYS A 307 -22.05 -22.61 -22.23
C LYS A 307 -21.14 -22.96 -21.07
N THR A 308 -20.12 -23.76 -21.32
CA THR A 308 -19.08 -23.93 -20.31
C THR A 308 -18.45 -22.58 -20.04
N THR A 309 -18.38 -22.25 -18.74
CA THR A 309 -17.92 -20.92 -18.29
C THR A 309 -16.85 -21.09 -17.23
N VAL A 310 -15.87 -20.18 -17.24
CA VAL A 310 -14.87 -20.10 -16.19
C VAL A 310 -14.92 -18.69 -15.63
N PHE A 311 -15.09 -18.56 -14.32
CA PHE A 311 -14.84 -17.33 -13.59
C PHE A 311 -13.49 -17.42 -12.93
N LYS A 312 -12.52 -16.68 -13.47
CA LYS A 312 -11.18 -16.62 -12.88
C LYS A 312 -11.16 -15.45 -11.90
N SER A 313 -11.02 -15.79 -10.63
CA SER A 313 -11.00 -14.86 -9.51
C SER A 313 -9.57 -14.64 -9.09
N LEU A 314 -9.17 -13.37 -9.03
CA LEU A 314 -7.87 -12.97 -8.46
C LEU A 314 -8.06 -12.32 -7.09
N GLY A 315 -9.24 -11.72 -6.89
CA GLY A 315 -9.50 -10.90 -5.72
C GLY A 315 -9.11 -9.47 -6.00
N MET A 316 -9.81 -8.52 -5.38
CA MET A 316 -9.42 -7.13 -5.52
C MET A 316 -9.81 -6.32 -4.29
N ALA A 317 -9.10 -5.21 -4.13
CA ALA A 317 -9.14 -4.39 -2.91
C ALA A 317 -10.55 -3.96 -2.52
N VAL A 318 -11.37 -3.62 -3.51
CA VAL A 318 -12.74 -3.19 -3.25
C VAL A 318 -13.60 -4.27 -2.59
N GLU A 319 -13.30 -5.54 -2.84
CA GLU A 319 -14.01 -6.65 -2.17
C GLU A 319 -13.68 -6.67 -0.68
N ASP A 320 -12.40 -6.47 -0.36
CA ASP A 320 -11.99 -6.39 1.03
C ASP A 320 -12.59 -5.17 1.72
N LEU A 321 -12.67 -4.06 0.98
CA LEU A 321 -13.29 -2.82 1.47
C LEU A 321 -14.75 -3.08 1.89
N VAL A 322 -15.52 -3.75 1.02
CA VAL A 322 -16.92 -4.05 1.33
C VAL A 322 -17.05 -4.84 2.63
N ALA A 323 -16.27 -5.93 2.72
CA ALA A 323 -16.32 -6.77 3.90
C ALA A 323 -15.86 -6.04 5.17
N ALA A 324 -14.78 -5.27 5.06
CA ALA A 324 -14.25 -4.53 6.21
C ALA A 324 -15.25 -3.48 6.70
N LYS A 325 -15.92 -2.80 5.80
CA LYS A 325 -16.92 -1.81 6.19
C LYS A 325 -18.11 -2.46 6.92
N LEU A 326 -18.61 -3.57 6.37
CA LEU A 326 -19.67 -4.34 7.03
C LEU A 326 -19.27 -4.74 8.45
N VAL A 327 -18.03 -5.23 8.60
CA VAL A 327 -17.52 -5.65 9.88
C VAL A 327 -17.41 -4.47 10.85
N TYR A 328 -16.74 -3.41 10.41
CA TYR A 328 -16.56 -2.22 11.24
C TYR A 328 -17.89 -1.57 11.67
N ASP A 329 -18.81 -1.45 10.72
CA ASP A 329 -20.13 -0.87 11.01
C ASP A 329 -20.90 -1.71 12.05
N SER A 330 -20.82 -3.02 11.93
CA SER A 330 -21.48 -3.93 12.85
C SER A 330 -20.86 -3.82 14.23
N TRP A 331 -19.53 -3.88 14.28
CA TRP A 331 -18.79 -3.79 15.53
C TRP A 331 -18.99 -2.45 16.24
N SER A 332 -18.91 -1.35 15.50
CA SER A 332 -19.02 -0.02 16.11
C SER A 332 -20.45 0.29 16.60
N SER A 333 -21.44 -0.38 16.03
CA SER A 333 -22.84 -0.26 16.48
C SER A 333 -23.11 -0.86 17.85
N GLY A 334 -22.29 -1.84 18.25
CA GLY A 334 -22.45 -2.52 19.53
C GLY A 334 -23.16 -3.86 19.37
N LYS B 24 -2.27 -16.82 14.30
CA LYS B 24 -2.32 -15.33 14.10
C LYS B 24 -2.59 -14.61 15.41
N ARG B 25 -1.87 -13.52 15.64
CA ARG B 25 -1.94 -12.76 16.90
C ARG B 25 -1.92 -11.27 16.61
N ALA B 26 -2.56 -10.49 17.49
CA ALA B 26 -2.65 -9.03 17.35
C ALA B 26 -1.28 -8.34 17.39
N PRO B 27 -1.11 -7.31 16.56
CA PRO B 27 0.13 -6.52 16.61
C PRO B 27 0.17 -5.59 17.80
N ALA B 28 1.36 -5.13 18.16
CA ALA B 28 1.51 -4.07 19.16
C ALA B 28 1.02 -2.78 18.53
N PHE B 29 0.47 -1.89 19.35
CA PHE B 29 0.18 -0.55 18.91
C PHE B 29 1.05 0.43 19.67
N LEU B 30 1.80 1.24 18.93
CA LEU B 30 2.67 2.26 19.52
C LEU B 30 2.17 3.64 19.15
N SER B 31 1.71 4.38 20.16
CA SER B 31 1.19 5.73 19.98
C SER B 31 2.29 6.70 19.60
N ALA B 32 1.88 7.92 19.22
CA ALA B 32 2.83 8.99 18.95
C ALA B 32 3.77 9.25 20.13
N GLU B 33 3.22 9.24 21.34
CA GLU B 33 4.01 9.42 22.55
C GLU B 33 5.02 8.28 22.75
N GLU B 34 4.57 7.06 22.49
N GLU B 34 4.59 7.04 22.52
CA GLU B 34 5.43 5.89 22.60
CA GLU B 34 5.48 5.89 22.59
C GLU B 34 6.54 5.91 21.54
C GLU B 34 6.58 5.99 21.55
N VAL B 35 6.24 6.43 20.34
CA VAL B 35 7.25 6.55 19.28
C VAL B 35 8.30 7.59 19.69
N GLN B 36 7.81 8.75 20.09
CA GLN B 36 8.61 9.84 20.64
C GLN B 36 9.56 9.34 21.73
N ASP B 37 9.04 8.56 22.67
CA ASP B 37 9.86 7.99 23.75
C ASP B 37 11.00 7.10 23.26
N HIS B 38 10.87 6.55 22.05
CA HIS B 38 11.90 5.66 21.50
C HIS B 38 12.60 6.26 20.26
N LEU B 39 12.45 7.57 20.05
CA LEU B 39 13.17 8.30 18.98
C LEU B 39 13.63 9.67 19.47
N ARG B 40 14.47 9.69 20.50
CA ARG B 40 14.92 10.95 21.09
C ARG B 40 16.30 11.38 20.57
N SER B 41 17.02 10.45 19.92
CA SER B 41 18.45 10.68 19.60
C SER B 41 18.80 10.63 18.11
N SER B 42 19.12 11.79 17.54
CA SER B 42 19.50 11.91 16.13
C SER B 42 20.80 11.16 15.80
N SER B 43 21.68 11.03 16.79
CA SER B 43 22.91 10.26 16.63
C SER B 43 22.62 8.77 16.39
N LEU B 44 21.43 8.32 16.82
CA LEU B 44 20.98 6.97 16.52
C LEU B 44 20.17 6.88 15.20
N LEU B 45 19.59 7.98 14.76
CA LEU B 45 18.78 7.96 13.52
C LEU B 45 19.59 8.24 12.24
N ILE B 46 20.55 9.17 12.33
CA ILE B 46 21.32 9.56 11.16
C ILE B 46 22.16 8.42 10.54
N PRO B 47 22.90 7.66 11.35
CA PRO B 47 23.72 6.61 10.72
C PRO B 47 22.94 5.56 9.92
N PRO B 48 21.85 5.00 10.48
CA PRO B 48 21.13 4.03 9.65
C PRO B 48 20.40 4.66 8.44
N LEU B 49 19.98 5.92 8.55
CA LEU B 49 19.47 6.64 7.38
C LEU B 49 20.52 6.79 6.29
N GLU B 50 21.75 7.15 6.67
CA GLU B 50 22.80 7.33 5.68
C GLU B 50 23.05 6.03 4.94
N ALA B 51 23.11 4.94 5.71
CA ALA B 51 23.34 3.62 5.14
C ALA B 51 22.20 3.23 4.21
N ALA B 52 20.97 3.53 4.60
CA ALA B 52 19.79 3.19 3.80
C ALA B 52 19.77 3.97 2.49
N LEU B 53 20.08 5.26 2.53
CA LEU B 53 20.13 6.05 1.33
C LEU B 53 21.16 5.48 0.36
N ALA B 54 22.35 5.17 0.89
CA ALA B 54 23.43 4.61 0.09
C ALA B 54 23.01 3.28 -0.53
N ASN B 55 22.47 2.40 0.29
CA ASN B 55 22.04 1.08 -0.19
C ASN B 55 20.91 1.19 -1.24
N PHE B 56 19.93 2.05 -0.97
CA PHE B 56 18.87 2.33 -1.94
C PHE B 56 19.40 2.80 -3.30
N SER B 57 20.35 3.73 -3.29
CA SER B 57 20.88 4.31 -4.51
C SER B 57 21.74 3.31 -5.30
N LYS B 58 22.16 2.23 -4.65
CA LYS B 58 22.83 1.12 -5.36
C LYS B 58 21.87 0.32 -6.25
N GLY B 59 20.56 0.50 -6.05
CA GLY B 59 19.58 -0.10 -6.90
C GLY B 59 19.72 -1.62 -6.88
N PRO B 60 19.87 -2.25 -8.05
CA PRO B 60 19.99 -3.72 -8.05
C PRO B 60 21.26 -4.21 -7.39
N ASP B 61 22.22 -3.33 -7.14
CA ASP B 61 23.46 -3.71 -6.48
C ASP B 61 23.35 -3.59 -4.96
N GLY B 62 22.19 -3.14 -4.47
CA GLY B 62 21.88 -3.14 -3.05
C GLY B 62 20.80 -4.16 -2.73
N GLY B 63 20.19 -4.02 -1.55
CA GLY B 63 19.18 -4.99 -1.11
C GLY B 63 17.82 -4.37 -0.83
N VAL B 64 17.62 -3.13 -1.25
CA VAL B 64 16.34 -2.45 -1.04
C VAL B 64 15.34 -2.72 -2.16
N MET B 65 14.11 -3.05 -1.77
CA MET B 65 12.99 -3.14 -2.69
C MET B 65 12.03 -2.04 -2.26
N GLN B 66 11.86 -1.04 -3.12
CA GLN B 66 11.00 0.09 -2.83
C GLN B 66 10.32 0.53 -4.13
N PRO B 67 9.06 0.12 -4.35
CA PRO B 67 8.32 0.70 -5.47
C PRO B 67 8.11 2.18 -5.19
N VAL B 68 8.00 3.00 -6.22
CA VAL B 68 7.68 4.41 -6.02
C VAL B 68 6.31 4.49 -5.32
N ARG B 69 6.15 5.47 -4.43
CA ARG B 69 4.91 5.66 -3.66
C ARG B 69 3.66 5.63 -4.56
N THR B 70 2.61 4.96 -4.10
CA THR B 70 1.31 4.94 -4.77
C THR B 70 0.43 5.96 -4.05
N VAL B 71 -0.33 6.76 -4.81
CA VAL B 71 -1.30 7.71 -4.22
C VAL B 71 -2.69 7.36 -4.74
N VAL B 72 -3.64 7.17 -3.82
CA VAL B 72 -5.03 6.93 -4.16
C VAL B 72 -5.81 8.21 -3.84
N PRO B 73 -6.39 8.87 -4.85
CA PRO B 73 -7.18 10.08 -4.56
C PRO B 73 -8.54 9.74 -3.93
N VAL B 74 -8.97 10.59 -2.98
CA VAL B 74 -10.28 10.49 -2.36
C VAL B 74 -11.01 11.78 -2.74
N ALA B 75 -11.48 11.81 -3.99
CA ALA B 75 -11.89 13.06 -4.63
C ALA B 75 -13.02 13.73 -3.87
N LYS B 76 -14.01 12.95 -3.48
CA LYS B 76 -15.20 13.46 -2.76
C LYS B 76 -14.86 14.33 -1.55
N HIS B 77 -13.78 13.99 -0.84
CA HIS B 77 -13.39 14.67 0.38
C HIS B 77 -12.10 15.48 0.23
N ARG B 78 -11.64 15.66 -1.00
CA ARG B 78 -10.41 16.39 -1.30
C ARG B 78 -9.23 15.82 -0.51
N GLY B 79 -9.14 14.50 -0.49
CA GLY B 79 -8.08 13.82 0.23
C GLY B 79 -7.30 12.89 -0.67
N PHE B 80 -6.23 12.34 -0.10
CA PHE B 80 -5.32 11.44 -0.81
C PHE B 80 -4.76 10.45 0.20
N LEU B 81 -4.56 9.20 -0.24
CA LEU B 81 -3.88 8.19 0.57
C LEU B 81 -2.59 7.76 -0.12
N GLY B 82 -1.45 7.96 0.55
CA GLY B 82 -0.14 7.53 0.06
C GLY B 82 0.20 6.19 0.66
N VAL B 83 0.76 5.29 -0.16
CA VAL B 83 1.10 3.95 0.26
C VAL B 83 2.58 3.70 -0.06
N MET B 84 3.36 3.38 0.98
CA MET B 84 4.81 3.42 0.90
C MET B 84 5.43 2.18 1.52
N PRO B 85 5.39 1.03 0.80
CA PRO B 85 6.05 -0.16 1.30
C PRO B 85 7.55 -0.22 0.99
N ALA B 86 8.29 -0.95 1.81
CA ALA B 86 9.69 -1.23 1.53
C ALA B 86 10.15 -2.48 2.22
N TYR B 87 11.07 -3.19 1.56
CA TYR B 87 11.88 -4.21 2.20
C TYR B 87 13.35 -3.80 2.09
N SER B 88 14.06 -3.97 3.19
CA SER B 88 15.51 -3.79 3.24
C SER B 88 16.16 -5.11 3.62
N ALA B 89 16.92 -5.71 2.71
CA ALA B 89 17.67 -6.92 3.04
C ALA B 89 18.76 -6.67 4.08
N ALA B 90 19.38 -5.49 4.03
CA ALA B 90 20.52 -5.19 4.90
C ALA B 90 20.10 -5.01 6.36
N GLU B 91 18.99 -4.31 6.58
CA GLU B 91 18.43 -4.17 7.93
C GLU B 91 17.52 -5.37 8.26
N ASP B 92 17.20 -6.18 7.25
CA ASP B 92 16.19 -7.25 7.34
C ASP B 92 14.94 -6.74 8.03
N ALA B 93 14.29 -5.80 7.36
CA ALA B 93 13.12 -5.12 7.88
C ALA B 93 12.12 -4.95 6.75
N LEU B 94 10.83 -5.07 7.10
CA LEU B 94 9.74 -5.01 6.16
C LEU B 94 8.66 -4.12 6.75
N THR B 95 8.38 -3.00 6.06
CA THR B 95 7.42 -2.02 6.54
C THR B 95 6.50 -1.47 5.45
N THR B 96 5.43 -0.83 5.88
CA THR B 96 4.61 -0.04 5.00
C THR B 96 4.11 1.17 5.75
N LYS B 97 4.34 2.34 5.17
CA LYS B 97 3.75 3.57 5.69
C LYS B 97 2.53 3.92 4.87
N LEU B 98 1.47 4.30 5.56
CA LEU B 98 0.22 4.76 4.94
C LEU B 98 0.02 6.18 5.44
N VAL B 99 -0.06 7.13 4.52
CA VAL B 99 -0.14 8.53 4.90
C VAL B 99 -1.34 9.14 4.19
N THR B 100 -2.03 10.05 4.90
CA THR B 100 -3.14 10.77 4.30
C THR B 100 -2.90 12.26 4.33
N PHE B 101 -3.41 12.93 3.31
CA PHE B 101 -3.46 14.39 3.27
C PHE B 101 -4.82 14.86 2.77
N TYR B 102 -5.43 15.79 3.51
CA TYR B 102 -6.73 16.34 3.15
C TYR B 102 -6.62 17.85 3.00
N GLU B 103 -7.06 18.38 1.86
CA GLU B 103 -7.06 19.84 1.60
C GLU B 103 -8.35 20.46 2.05
N PRO B 111 -5.98 18.14 12.15
CA PRO B 111 -4.92 17.15 11.98
C PRO B 111 -4.91 16.69 10.53
N SER B 112 -4.43 17.59 9.66
CA SER B 112 -4.57 17.46 8.21
C SER B 112 -3.65 16.39 7.60
N HIS B 113 -2.48 16.22 8.19
CA HIS B 113 -1.50 15.22 7.76
C HIS B 113 -1.46 14.16 8.83
N GLN B 114 -1.71 12.91 8.46
CA GLN B 114 -1.72 11.80 9.39
C GLN B 114 -1.05 10.60 8.77
N ALA B 115 -0.32 9.82 9.56
CA ALA B 115 0.37 8.66 9.03
C ALA B 115 0.43 7.55 10.06
N SER B 116 0.57 6.34 9.54
CA SER B 116 0.75 5.11 10.34
C SER B 116 1.84 4.31 9.67
N VAL B 117 2.65 3.60 10.47
CA VAL B 117 3.64 2.69 9.92
C VAL B 117 3.38 1.29 10.45
N LEU B 118 3.38 0.33 9.53
CA LEU B 118 3.23 -1.07 9.85
C LEU B 118 4.59 -1.74 9.73
N LEU B 119 4.95 -2.53 10.73
CA LEU B 119 6.20 -3.26 10.75
C LEU B 119 5.90 -4.77 10.86
N PHE B 120 6.45 -5.53 9.92
CA PHE B 120 6.22 -6.95 9.76
C PHE B 120 7.46 -7.76 10.15
N ASP B 121 7.25 -9.01 10.56
CA ASP B 121 8.36 -9.93 10.71
C ASP B 121 8.74 -10.36 9.30
N PRO B 122 9.96 -10.02 8.86
CA PRO B 122 10.34 -10.32 7.48
C PRO B 122 10.51 -11.82 7.17
N SER B 123 10.67 -12.65 8.21
N SER B 123 10.68 -12.65 8.20
CA SER B 123 10.88 -14.09 8.05
CA SER B 123 10.87 -14.09 8.01
C SER B 123 9.58 -14.89 7.83
C SER B 123 9.57 -14.86 7.77
N ASN B 124 8.43 -14.33 8.22
CA ASN B 124 7.15 -15.02 8.05
C ASN B 124 5.92 -14.15 7.71
N GLY B 125 6.13 -12.85 7.60
CA GLY B 125 5.07 -11.92 7.19
C GLY B 125 4.13 -11.48 8.29
N SER B 126 4.33 -11.94 9.52
CA SER B 126 3.41 -11.56 10.59
C SER B 126 3.50 -10.05 10.82
N LEU B 127 2.35 -9.42 11.02
CA LEU B 127 2.32 -8.01 11.39
C LEU B 127 2.67 -7.87 12.87
N LEU B 128 3.82 -7.28 13.15
CA LEU B 128 4.30 -7.12 14.53
C LEU B 128 3.82 -5.85 15.21
N ALA B 129 3.75 -4.75 14.46
CA ALA B 129 3.43 -3.46 15.06
C ALA B 129 2.72 -2.51 14.10
N VAL B 130 1.78 -1.75 14.65
CA VAL B 130 1.19 -0.59 14.01
C VAL B 130 1.58 0.58 14.89
N MET B 131 2.21 1.57 14.30
CA MET B 131 2.67 2.71 15.07
C MET B 131 2.29 4.01 14.41
N ASP B 132 2.18 5.05 15.22
CA ASP B 132 2.04 6.39 14.70
C ASP B 132 3.12 6.63 13.67
N GLY B 133 2.76 7.38 12.64
CA GLY B 133 3.68 7.76 11.58
C GLY B 133 4.04 9.23 11.57
N ASN B 134 3.27 10.04 12.31
CA ASN B 134 3.50 11.49 12.31
C ASN B 134 4.85 11.89 12.88
N VAL B 135 5.18 11.34 14.04
CA VAL B 135 6.45 11.68 14.71
C VAL B 135 7.60 11.23 13.82
N ILE B 136 7.48 10.02 13.28
CA ILE B 136 8.47 9.46 12.37
C ILE B 136 8.66 10.37 11.16
N THR B 137 7.57 10.86 10.59
CA THR B 137 7.67 11.74 9.42
C THR B 137 8.44 13.01 9.78
N ALA B 138 8.12 13.59 10.94
CA ALA B 138 8.79 14.81 11.40
C ALA B 138 10.29 14.58 11.55
N LYS B 139 10.64 13.48 12.19
CA LYS B 139 12.03 13.20 12.53
C LYS B 139 12.89 12.72 11.34
N ARG B 140 12.41 11.76 10.56
CA ARG B 140 13.23 11.26 9.44
C ARG B 140 13.41 12.29 8.34
N THR B 141 12.42 13.15 8.13
CA THR B 141 12.54 14.17 7.09
C THR B 141 13.62 15.17 7.49
N ALA B 142 13.56 15.65 8.72
CA ALA B 142 14.55 16.60 9.24
C ALA B 142 15.97 15.99 9.20
N ALA B 143 16.06 14.70 9.56
CA ALA B 143 17.35 13.99 9.56
C ALA B 143 17.96 13.88 8.17
N VAL B 144 17.13 13.54 7.18
CA VAL B 144 17.63 13.45 5.81
C VAL B 144 18.10 14.83 5.35
N SER B 145 17.34 15.89 5.67
CA SER B 145 17.80 17.23 5.32
C SER B 145 19.14 17.56 5.97
N ALA B 146 19.29 17.17 7.23
CA ALA B 146 20.56 17.40 7.95
C ALA B 146 21.71 16.65 7.28
N ILE B 147 21.46 15.42 6.84
CA ILE B 147 22.48 14.62 6.14
C ILE B 147 22.89 15.35 4.84
N ALA B 148 21.91 15.84 4.08
CA ALA B 148 22.20 16.56 2.84
C ALA B 148 23.01 17.83 3.11
N THR B 149 22.69 18.50 4.21
CA THR B 149 23.31 19.77 4.57
C THR B 149 24.74 19.56 5.03
N LYS B 150 24.99 18.51 5.80
CA LYS B 150 26.34 18.14 6.17
C LYS B 150 27.23 17.99 4.94
N LEU B 151 26.68 17.39 3.89
CA LEU B 151 27.41 17.17 2.65
C LEU B 151 27.47 18.36 1.71
N LEU B 152 26.49 19.25 1.76
CA LEU B 152 26.33 20.25 0.70
C LEU B 152 26.39 21.71 1.13
N LYS B 153 26.41 21.99 2.43
CA LYS B 153 26.52 23.38 2.90
C LYS B 153 27.89 23.94 2.48
N PRO B 154 27.91 25.22 2.05
CA PRO B 154 29.18 25.81 1.62
C PRO B 154 30.15 26.06 2.77
N PRO B 155 31.43 26.25 2.45
CA PRO B 155 32.32 26.80 3.48
C PRO B 155 31.76 28.11 4.02
N GLY B 156 31.95 28.37 5.31
CA GLY B 156 31.42 29.58 5.95
C GLY B 156 29.91 29.65 6.08
N SER B 157 29.29 28.52 6.45
CA SER B 157 27.83 28.47 6.61
C SER B 157 27.38 29.03 7.97
N ASP B 158 27.25 30.34 8.01
CA ASP B 158 26.95 31.05 9.24
C ASP B 158 25.48 31.36 9.42
N VAL B 159 24.74 31.42 8.31
CA VAL B 159 23.35 31.86 8.35
C VAL B 159 22.41 30.78 7.83
N LEU B 160 21.43 30.42 8.67
CA LEU B 160 20.34 29.51 8.31
C LEU B 160 19.05 30.29 8.11
N CYS B 161 18.26 29.90 7.11
CA CYS B 161 16.97 30.51 6.82
C CYS B 161 15.93 29.42 6.65
N ILE B 162 14.84 29.51 7.41
CA ILE B 162 13.73 28.57 7.27
C ILE B 162 12.52 29.34 6.71
N LEU B 163 11.96 28.83 5.63
CA LEU B 163 10.70 29.34 5.08
C LEU B 163 9.61 28.34 5.48
N GLY B 164 8.66 28.80 6.28
CA GLY B 164 7.64 27.93 6.87
C GLY B 164 7.77 27.91 8.37
N ALA B 165 6.71 27.50 9.04
CA ALA B 165 6.69 27.55 10.49
C ALA B 165 5.82 26.46 11.08
N GLY B 166 5.68 25.35 10.36
CA GLY B 166 4.87 24.22 10.80
C GLY B 166 5.71 23.11 11.43
N VAL B 167 5.19 21.89 11.36
CA VAL B 167 5.80 20.73 11.99
C VAL B 167 7.22 20.50 11.50
N GLN B 168 7.41 20.57 10.19
CA GLN B 168 8.73 20.36 9.60
C GLN B 168 9.71 21.49 9.94
N ALA B 169 9.19 22.71 10.06
CA ALA B 169 10.03 23.81 10.50
C ALA B 169 10.59 23.52 11.89
N TYR B 170 9.74 23.03 12.79
CA TYR B 170 10.16 22.66 14.13
C TYR B 170 11.14 21.50 14.13
N SER B 171 10.83 20.42 13.41
CA SER B 171 11.73 19.26 13.44
C SER B 171 13.08 19.59 12.80
N HIS B 172 13.06 20.37 11.72
CA HIS B 172 14.33 20.82 11.12
C HIS B 172 15.13 21.74 12.04
N TYR B 173 14.46 22.71 12.65
CA TYR B 173 15.15 23.64 13.55
C TYR B 173 15.87 22.87 14.65
N GLU B 174 15.15 21.91 15.23
CA GLU B 174 15.65 21.07 16.32
C GLU B 174 16.99 20.42 15.97
N ILE B 175 16.99 19.65 14.88
CA ILE B 175 18.18 18.88 14.52
C ILE B 175 19.28 19.76 13.92
N PHE B 176 18.91 20.80 13.16
CA PHE B 176 19.91 21.71 12.57
C PHE B 176 20.71 22.47 13.64
N THR B 177 20.03 22.96 14.68
CA THR B 177 20.75 23.66 15.75
C THR B 177 21.53 22.68 16.63
N GLU B 178 21.14 21.41 16.64
CA GLU B 178 21.94 20.39 17.32
C GLU B 178 23.21 20.06 16.54
N GLN B 179 23.04 19.81 15.25
CA GLN B 179 24.13 19.31 14.40
C GLN B 179 25.12 20.37 13.93
N PHE B 180 24.63 21.59 13.74
CA PHE B 180 25.43 22.63 13.12
C PHE B 180 25.46 23.83 14.06
N SER B 181 26.39 24.74 13.81
CA SER B 181 26.44 26.00 14.55
C SER B 181 26.29 27.16 13.57
N PHE B 182 25.15 27.81 13.63
CA PHE B 182 24.88 29.00 12.82
C PHE B 182 24.97 30.22 13.72
N LYS B 183 25.49 31.32 13.16
CA LYS B 183 25.56 32.58 13.89
C LYS B 183 24.20 33.27 13.90
N GLU B 184 23.41 33.02 12.87
CA GLU B 184 22.07 33.56 12.80
C GLU B 184 21.11 32.55 12.22
N VAL B 185 19.92 32.45 12.82
CA VAL B 185 18.80 31.70 12.24
C VAL B 185 17.65 32.67 11.94
N ARG B 186 17.18 32.64 10.70
CA ARG B 186 16.12 33.50 10.22
C ARG B 186 14.90 32.69 9.81
N MET B 187 13.74 33.32 9.88
CA MET B 187 12.51 32.66 9.42
C MET B 187 11.60 33.67 8.73
N TRP B 188 11.00 33.24 7.62
CA TRP B 188 9.84 33.88 7.04
C TRP B 188 8.72 32.86 7.00
N ASN B 189 7.50 33.34 7.19
CA ASN B 189 6.30 32.52 7.04
C ASN B 189 5.19 33.38 6.44
N ARG B 190 4.35 32.75 5.61
CA ARG B 190 3.19 33.40 4.99
C ARG B 190 2.40 34.20 6.01
N THR B 191 2.22 33.61 7.19
CA THR B 191 1.56 34.27 8.30
C THR B 191 2.61 34.63 9.34
N ARG B 192 2.99 35.91 9.38
CA ARG B 192 4.04 36.35 10.27
C ARG B 192 3.78 35.97 11.72
N GLU B 193 2.52 36.03 12.14
CA GLU B 193 2.17 35.68 13.52
C GLU B 193 2.67 34.29 13.90
N ASN B 194 2.58 33.34 12.97
CA ASN B 194 3.02 31.98 13.24
C ASN B 194 4.55 31.84 13.30
N ALA B 195 5.24 32.70 12.56
CA ALA B 195 6.69 32.79 12.67
C ALA B 195 7.09 33.39 14.02
N GLU B 196 6.34 34.38 14.49
CA GLU B 196 6.63 34.98 15.79
C GLU B 196 6.34 34.01 16.93
N LYS B 197 5.29 33.21 16.81
CA LYS B 197 5.01 32.14 17.78
C LYS B 197 6.16 31.14 17.79
N PHE B 198 6.61 30.77 16.59
CA PHE B 198 7.74 29.85 16.42
C PHE B 198 8.95 30.40 17.18
N ALA B 199 9.30 31.64 16.87
CA ALA B 199 10.47 32.29 17.47
C ALA B 199 10.38 32.37 18.99
N SER B 200 9.17 32.59 19.51
CA SER B 200 8.95 32.60 20.96
C SER B 200 9.09 31.23 21.59
N THR B 201 8.66 30.20 20.87
CA THR B 201 8.59 28.84 21.39
C THR B 201 9.95 28.14 21.48
N VAL B 202 10.77 28.28 20.43
CA VAL B 202 12.02 27.53 20.34
C VAL B 202 13.11 28.14 21.25
N GLN B 203 14.13 27.35 21.57
CA GLN B 203 15.12 27.73 22.60
C GLN B 203 16.01 28.91 22.23
N GLY B 204 16.53 28.93 21.00
CA GLY B 204 17.45 29.99 20.56
C GLY B 204 16.77 31.18 19.93
N ASP B 205 17.56 32.16 19.52
CA ASP B 205 17.04 33.37 18.86
C ASP B 205 16.74 33.11 17.39
N VAL B 206 15.54 33.47 16.95
CA VAL B 206 15.17 33.39 15.55
C VAL B 206 14.76 34.78 15.11
N ARG B 207 15.36 35.26 14.02
CA ARG B 207 15.02 36.55 13.45
C ARG B 207 13.89 36.41 12.44
N VAL B 208 12.74 36.95 12.77
CA VAL B 208 11.58 36.87 11.89
C VAL B 208 11.72 37.95 10.85
N CYS B 209 11.59 37.57 9.58
CA CYS B 209 11.79 38.48 8.46
C CYS B 209 10.48 38.77 7.76
N SER B 210 10.43 39.94 7.12
CA SER B 210 9.21 40.44 6.50
C SER B 210 8.93 39.88 5.11
N SER B 211 9.92 39.25 4.49
CA SER B 211 9.73 38.66 3.17
C SER B 211 10.65 37.48 2.99
N VAL B 212 10.38 36.66 1.99
CA VAL B 212 11.31 35.60 1.61
C VAL B 212 12.64 36.23 1.23
N GLN B 213 12.58 37.26 0.38
CA GLN B 213 13.77 37.92 -0.12
C GLN B 213 14.70 38.34 1.01
N GLU B 214 14.14 38.97 2.04
CA GLU B 214 14.95 39.42 3.17
C GLU B 214 15.54 38.21 3.91
N ALA B 215 14.72 37.18 4.14
CA ALA B 215 15.15 36.01 4.89
C ALA B 215 16.29 35.27 4.20
N VAL B 216 16.26 35.16 2.87
CA VAL B 216 17.27 34.35 2.14
C VAL B 216 18.48 35.16 1.68
N THR B 217 18.39 36.48 1.66
CA THR B 217 19.52 37.29 1.17
C THR B 217 20.65 37.16 2.19
N GLY B 218 21.80 36.66 1.76
CA GLY B 218 22.92 36.38 2.65
C GLY B 218 22.90 35.05 3.38
N ALA B 219 21.87 34.24 3.13
CA ALA B 219 21.75 32.93 3.79
C ALA B 219 22.65 31.87 3.13
N ASP B 220 23.28 31.06 3.96
CA ASP B 220 24.15 29.96 3.50
C ASP B 220 23.43 28.63 3.34
N VAL B 221 22.47 28.36 4.23
CA VAL B 221 21.62 27.17 4.17
C VAL B 221 20.17 27.64 4.27
N ILE B 222 19.34 27.12 3.37
CA ILE B 222 17.93 27.46 3.32
C ILE B 222 17.13 26.17 3.44
N ILE B 223 16.03 26.21 4.17
CA ILE B 223 15.09 25.10 4.26
C ILE B 223 13.73 25.62 3.85
N THR B 224 13.11 24.97 2.87
CA THR B 224 11.77 25.35 2.45
C THR B 224 10.82 24.24 2.85
N VAL B 225 9.93 24.56 3.77
CA VAL B 225 9.00 23.61 4.39
C VAL B 225 7.60 24.23 4.40
N THR B 226 7.15 24.64 3.22
CA THR B 226 5.84 25.31 3.08
C THR B 226 4.91 24.46 2.24
N MET B 227 3.64 24.85 2.22
N MET B 227 3.63 24.83 2.22
CA MET B 227 2.68 24.28 1.29
CA MET B 227 2.69 24.24 1.26
C MET B 227 2.40 25.24 0.12
C MET B 227 2.41 25.20 0.09
N ALA B 228 3.40 26.01 -0.27
CA ALA B 228 3.27 26.89 -1.43
C ALA B 228 3.03 26.05 -2.66
N THR B 229 2.22 26.57 -3.58
CA THR B 229 1.93 25.87 -4.82
C THR B 229 2.62 26.50 -6.02
N GLU B 230 3.06 27.74 -5.88
CA GLU B 230 3.80 28.46 -6.91
C GLU B 230 5.09 29.01 -6.28
N PRO B 231 6.14 29.24 -7.09
CA PRO B 231 7.42 29.63 -6.50
C PRO B 231 7.39 30.79 -5.51
N ILE B 232 8.09 30.61 -4.40
CA ILE B 232 8.33 31.65 -3.42
C ILE B 232 9.82 32.01 -3.31
N LEU B 233 10.69 31.08 -3.67
CA LEU B 233 12.14 31.29 -3.59
C LEU B 233 12.73 31.46 -4.98
N PHE B 234 13.29 32.63 -5.26
CA PHE B 234 13.84 32.95 -6.56
C PHE B 234 15.37 32.97 -6.53
N GLY B 235 15.98 32.32 -7.52
CA GLY B 235 17.44 32.22 -7.64
C GLY B 235 18.21 33.51 -7.58
N GLU B 236 17.61 34.58 -8.09
CA GLU B 236 18.19 35.94 -8.05
C GLU B 236 18.63 36.36 -6.64
N TRP B 237 17.97 35.84 -5.60
CA TRP B 237 18.25 36.24 -4.22
C TRP B 237 19.24 35.35 -3.50
N VAL B 238 19.61 34.24 -4.12
CA VAL B 238 20.35 33.19 -3.42
C VAL B 238 21.86 33.42 -3.52
N LYS B 239 22.51 33.40 -2.36
CA LYS B 239 23.95 33.57 -2.26
C LYS B 239 24.66 32.44 -3.04
N PRO B 240 25.60 32.79 -3.95
CA PRO B 240 26.42 31.77 -4.61
C PRO B 240 27.01 30.79 -3.58
N GLY B 241 26.77 29.51 -3.80
CA GLY B 241 27.23 28.47 -2.91
C GLY B 241 26.21 28.01 -1.88
N ALA B 242 25.10 28.73 -1.72
CA ALA B 242 24.11 28.34 -0.73
C ALA B 242 23.59 26.93 -1.00
N HIS B 243 23.22 26.27 0.09
CA HIS B 243 22.54 24.98 0.02
C HIS B 243 21.08 25.13 0.42
N ILE B 244 20.20 24.61 -0.42
CA ILE B 244 18.78 24.65 -0.16
C ILE B 244 18.21 23.23 0.01
N ASN B 245 17.55 23.02 1.14
CA ASN B 245 16.76 21.82 1.34
C ASN B 245 15.32 22.12 0.96
N ALA B 246 14.90 21.61 -0.21
CA ALA B 246 13.59 21.92 -0.76
C ALA B 246 12.64 20.78 -0.41
N VAL B 247 11.84 21.00 0.63
CA VAL B 247 11.11 19.91 1.31
C VAL B 247 9.61 19.93 1.02
N GLY B 248 9.07 21.11 0.68
CA GLY B 248 7.65 21.26 0.37
C GLY B 248 7.32 21.01 -1.09
N ALA B 249 6.18 21.54 -1.54
CA ALA B 249 5.73 21.36 -2.91
C ALA B 249 5.78 19.89 -3.29
N SER B 250 5.17 19.05 -2.46
CA SER B 250 5.25 17.61 -2.61
C SER B 250 4.15 17.07 -3.50
N ARG B 251 4.03 17.63 -4.70
CA ARG B 251 2.99 17.24 -5.65
C ARG B 251 3.49 17.68 -7.03
N PRO B 252 3.17 16.95 -8.09
CA PRO B 252 3.80 17.29 -9.39
C PRO B 252 3.31 18.59 -10.03
N ASP B 253 2.26 19.18 -9.48
CA ASP B 253 1.74 20.46 -9.99
C ASP B 253 2.12 21.64 -9.09
N TRP B 254 2.89 21.37 -8.02
CA TRP B 254 3.23 22.37 -7.02
C TRP B 254 4.73 22.68 -7.02
N ARG B 255 5.07 23.93 -6.69
CA ARG B 255 6.45 24.40 -6.69
C ARG B 255 6.74 25.38 -5.57
N GLU B 256 7.94 25.29 -4.99
CA GLU B 256 8.47 26.32 -4.09
C GLU B 256 9.59 27.17 -4.72
N LEU B 257 10.28 26.63 -5.73
CA LEU B 257 11.47 27.30 -6.28
C LEU B 257 11.24 27.72 -7.73
N ASP B 258 11.89 28.80 -8.15
CA ASP B 258 11.75 29.26 -9.54
C ASP B 258 12.71 28.52 -10.49
N ASP B 259 12.54 28.76 -11.78
CA ASP B 259 13.36 28.09 -12.80
C ASP B 259 14.84 28.47 -12.73
N GLU B 260 15.15 29.73 -12.43
CA GLU B 260 16.53 30.16 -12.32
C GLU B 260 17.28 29.30 -11.30
N LEU B 261 16.69 29.13 -10.11
CA LEU B 261 17.34 28.35 -9.06
C LEU B 261 17.42 26.85 -9.38
N MET B 262 16.31 26.29 -9.87
CA MET B 262 16.27 24.87 -10.20
C MET B 262 17.29 24.50 -11.28
N ARG B 263 17.49 25.41 -12.23
CA ARG B 263 18.37 25.15 -13.36
C ARG B 263 19.82 25.61 -13.13
N GLN B 264 20.03 26.61 -12.25
CA GLN B 264 21.38 27.11 -11.91
C GLN B 264 22.08 26.19 -10.90
N ALA B 265 21.32 25.70 -9.93
CA ALA B 265 21.87 24.89 -8.84
C ALA B 265 22.30 23.51 -9.31
N VAL B 266 23.21 22.90 -8.57
CA VAL B 266 23.51 21.48 -8.74
C VAL B 266 22.38 20.77 -7.97
N LEU B 267 21.60 19.95 -8.66
CA LEU B 267 20.39 19.34 -8.09
C LEU B 267 20.63 17.92 -7.61
N TYR B 268 20.39 17.71 -6.32
CA TYR B 268 20.43 16.41 -5.70
C TYR B 268 19.03 16.03 -5.26
N VAL B 269 18.73 14.72 -5.32
CA VAL B 269 17.44 14.21 -4.90
C VAL B 269 17.61 13.02 -3.98
N ASP B 270 16.51 12.57 -3.37
CA ASP B 270 16.53 11.33 -2.62
C ASP B 270 16.36 10.14 -3.57
N SER B 271 15.35 10.23 -4.44
CA SER B 271 15.02 9.21 -5.42
C SER B 271 14.72 9.87 -6.75
N ARG B 272 15.49 9.52 -7.78
CA ARG B 272 15.22 9.99 -9.15
C ARG B 272 13.80 9.69 -9.58
N GLU B 273 13.34 8.47 -9.33
CA GLU B 273 12.03 8.06 -9.80
C GLU B 273 10.95 8.88 -9.10
N ALA B 274 11.10 9.08 -7.80
CA ALA B 274 10.12 9.87 -7.07
C ALA B 274 10.16 11.34 -7.52
N ALA B 275 11.36 11.90 -7.68
CA ALA B 275 11.51 13.33 -8.09
C ALA B 275 10.84 13.59 -9.43
N LEU B 276 11.05 12.69 -10.39
CA LEU B 276 10.42 12.77 -11.70
C LEU B 276 8.92 12.38 -11.73
N LYS B 277 8.37 11.86 -10.64
CA LYS B 277 6.91 11.59 -10.59
C LYS B 277 6.16 12.61 -9.72
N GLU B 278 6.82 13.12 -8.69
CA GLU B 278 6.12 13.81 -7.61
C GLU B 278 6.48 15.27 -7.43
N SER B 279 7.66 15.68 -7.87
CA SER B 279 8.11 17.07 -7.61
C SER B 279 7.83 18.01 -8.76
N GLY B 280 6.92 18.95 -8.52
CA GLY B 280 6.65 19.99 -9.50
C GLY B 280 7.87 20.83 -9.80
N ASP B 281 8.67 21.11 -8.78
CA ASP B 281 9.92 21.86 -9.00
C ASP B 281 10.82 21.17 -10.02
N VAL B 282 10.94 19.85 -9.94
CA VAL B 282 11.80 19.12 -10.86
C VAL B 282 11.16 19.00 -12.23
N LEU B 283 9.90 18.56 -12.25
CA LEU B 283 9.16 18.31 -13.48
C LEU B 283 8.90 19.56 -14.33
N LEU B 284 8.44 20.62 -13.66
CA LEU B 284 8.07 21.83 -14.36
C LEU B 284 9.27 22.69 -14.75
N SER B 285 10.37 22.62 -14.00
CA SER B 285 11.58 23.35 -14.36
C SER B 285 12.35 22.65 -15.47
N GLY B 286 12.20 21.33 -15.57
CA GLY B 286 12.97 20.53 -16.50
C GLY B 286 14.44 20.36 -16.11
N ALA B 287 14.77 20.63 -14.85
CA ALA B 287 16.15 20.57 -14.38
C ALA B 287 16.70 19.15 -14.53
N ASP B 288 18.00 19.05 -14.81
CA ASP B 288 18.69 17.76 -14.80
C ASP B 288 19.04 17.41 -13.37
N ILE B 289 18.84 16.15 -12.98
CA ILE B 289 19.25 15.68 -11.66
C ILE B 289 20.71 15.26 -11.73
N PHE B 290 21.54 15.83 -10.85
CA PHE B 290 22.96 15.48 -10.82
C PHE B 290 23.18 14.14 -10.11
N ALA B 291 22.53 13.94 -8.98
CA ALA B 291 22.79 12.76 -8.16
C ALA B 291 21.71 12.54 -7.11
N GLU B 292 21.57 11.28 -6.70
CA GLU B 292 20.88 10.94 -5.47
C GLU B 292 21.81 11.12 -4.30
N LEU B 293 21.26 11.53 -3.17
CA LEU B 293 21.99 11.69 -1.93
C LEU B 293 22.77 10.42 -1.57
N GLY B 294 22.13 9.28 -1.76
CA GLY B 294 22.76 7.99 -1.52
C GLY B 294 24.03 7.79 -2.32
N GLU B 295 24.08 8.33 -3.54
CA GLU B 295 25.27 8.21 -4.38
C GLU B 295 26.41 9.05 -3.84
N VAL B 296 26.07 10.18 -3.22
CA VAL B 296 27.09 11.01 -2.59
C VAL B 296 27.66 10.29 -1.37
N ILE B 297 26.77 9.68 -0.59
CA ILE B 297 27.16 9.00 0.63
C ILE B 297 28.06 7.83 0.31
N SER B 298 27.74 7.09 -0.74
CA SER B 298 28.52 5.91 -1.12
C SER B 298 29.80 6.24 -1.88
N GLY B 299 30.00 7.52 -2.24
CA GLY B 299 31.16 7.96 -3.00
C GLY B 299 31.04 7.87 -4.52
N ALA B 300 29.88 7.47 -5.02
CA ALA B 300 29.67 7.35 -6.48
C ALA B 300 29.57 8.70 -7.19
N LYS B 301 29.10 9.72 -6.48
CA LYS B 301 28.96 11.05 -7.03
C LYS B 301 29.49 12.06 -6.05
N PRO B 302 30.06 13.18 -6.55
CA PRO B 302 30.66 14.16 -5.64
C PRO B 302 29.64 15.11 -4.98
N ALA B 303 30.00 15.58 -3.79
CA ALA B 303 29.26 16.62 -3.07
C ALA B 303 29.86 17.97 -3.44
N HIS B 304 29.21 18.70 -4.33
CA HIS B 304 29.72 19.99 -4.80
C HIS B 304 29.23 21.12 -3.90
N CYS B 305 29.67 21.06 -2.64
CA CYS B 305 29.24 22.01 -1.63
C CYS B 305 29.62 23.47 -1.92
N GLU B 306 30.64 23.70 -2.76
CA GLU B 306 31.04 25.08 -3.07
C GLU B 306 30.07 25.80 -4.03
N LYS B 307 29.33 25.00 -4.80
CA LYS B 307 28.37 25.53 -5.75
C LYS B 307 27.02 25.69 -5.08
N THR B 308 26.17 26.53 -5.63
CA THR B 308 24.78 26.57 -5.17
C THR B 308 24.17 25.19 -5.43
N THR B 309 23.55 24.62 -4.38
CA THR B 309 23.02 23.28 -4.42
C THR B 309 21.58 23.25 -3.95
N VAL B 310 20.78 22.42 -4.60
CA VAL B 310 19.43 22.12 -4.13
C VAL B 310 19.34 20.64 -3.83
N PHE B 311 18.87 20.30 -2.63
CA PHE B 311 18.44 18.95 -2.32
C PHE B 311 16.92 18.94 -2.32
N LYS B 312 16.34 18.33 -3.36
CA LYS B 312 14.89 18.19 -3.44
C LYS B 312 14.49 16.91 -2.76
N SER B 313 13.75 17.06 -1.66
CA SER B 313 13.32 15.95 -0.83
C SER B 313 11.83 15.69 -1.03
N LEU B 314 11.51 14.42 -1.28
CA LEU B 314 10.14 13.92 -1.36
C LEU B 314 9.80 12.98 -0.20
N GLY B 315 10.83 12.32 0.35
CA GLY B 315 10.66 11.28 1.34
C GLY B 315 10.44 9.98 0.62
N MET B 316 10.77 8.87 1.27
CA MET B 316 10.53 7.56 0.67
C MET B 316 10.48 6.48 1.74
N ALA B 317 9.86 5.38 1.37
CA ALA B 317 9.48 4.32 2.31
C ALA B 317 10.64 3.79 3.16
N VAL B 318 11.83 3.70 2.57
CA VAL B 318 12.98 3.14 3.28
C VAL B 318 13.39 4.06 4.43
N GLU B 319 13.13 5.36 4.33
CA GLU B 319 13.40 6.27 5.45
C GLU B 319 12.47 5.97 6.64
N ASP B 320 11.20 5.74 6.33
CA ASP B 320 10.25 5.33 7.36
C ASP B 320 10.58 3.98 7.95
N LEU B 321 11.03 3.06 7.10
CA LEU B 321 11.48 1.75 7.55
C LEU B 321 12.60 1.86 8.62
N VAL B 322 13.63 2.65 8.31
CA VAL B 322 14.74 2.84 9.24
C VAL B 322 14.24 3.34 10.61
N ALA B 323 13.42 4.39 10.59
CA ALA B 323 12.85 4.92 11.84
C ALA B 323 11.97 3.93 12.59
N ALA B 324 11.12 3.21 11.86
CA ALA B 324 10.20 2.28 12.49
C ALA B 324 10.95 1.13 13.14
N LYS B 325 12.01 0.65 12.48
CA LYS B 325 12.84 -0.43 13.01
C LYS B 325 13.55 0.00 14.28
N LEU B 326 14.16 1.19 14.27
CA LEU B 326 14.75 1.75 15.47
C LEU B 326 13.75 1.80 16.61
N VAL B 327 12.54 2.30 16.33
CA VAL B 327 11.53 2.42 17.37
C VAL B 327 11.15 1.05 17.91
N TYR B 328 10.88 0.12 17.00
CA TYR B 328 10.39 -1.20 17.38
C TYR B 328 11.44 -1.97 18.17
N ASP B 329 12.69 -1.93 17.70
CA ASP B 329 13.79 -2.62 18.40
C ASP B 329 13.97 -2.07 19.81
N SER B 330 13.90 -0.75 19.96
CA SER B 330 14.00 -0.11 21.27
C SER B 330 12.82 -0.49 22.18
N TRP B 331 11.61 -0.41 21.65
CA TRP B 331 10.40 -0.74 22.41
C TRP B 331 10.39 -2.22 22.84
N SER B 332 10.75 -3.12 21.93
CA SER B 332 10.64 -4.56 22.19
C SER B 332 11.73 -5.08 23.12
N SER B 333 12.88 -4.38 23.17
CA SER B 333 13.97 -4.78 24.04
C SER B 333 13.79 -4.25 25.47
N GLY B 334 12.81 -3.36 25.66
CA GLY B 334 12.42 -2.89 26.99
C GLY B 334 12.44 -1.39 27.07
#